data_7OL9
#
_entry.id   7OL9
#
_cell.length_a   70.501
_cell.length_b   99.326
_cell.length_c   99.416
_cell.angle_alpha   90.000
_cell.angle_beta   90.000
_cell.angle_gamma   90.000
#
_symmetry.space_group_name_H-M   'P 21 21 21'
#
loop_
_entity.id
_entity.type
_entity.pdbx_description
1 polymer 'Nucleoid occlusion protein'
2 polymer "DNA (5'-D(*TP*AP*TP*TP*TP*CP*CP*CP*GP*GP*GP*AP*AP*AP*TP*A)-3')"
#
loop_
_entity_poly.entity_id
_entity_poly.type
_entity_poly.pdbx_seq_one_letter_code
_entity_poly.pdbx_strand_id
1 'polypeptide(L)'
;MKHSFSRFFGLGEKEQEPEIAEHDTNKEEILEIPVNAIVPNRFQPRTIFSDEKIKELAMTIHTHGIIQPIVVRHTEEEGQ
YELIAGERRWRAVQSLEWEKIPAIIKDFSDTETASVALIENLQREELSSIEEAHAYARLLELHDLTQEALAQRLGKGQST
IANKLRLLKLPQPVQEAIMEKKITERHARALIPLKQPELQVTLLTEIIEKSLNVKQTEDRVVKMLEQGQRKPKPRRKAFS
RDKLAAALEHHHHHH
;
A,B
2 'polydeoxyribonucleotide' (DT)(DA)(DT)(DT)(DT)(DC)(DC)(DC)(DG)(DG)(DG)(DA)(DA)(DA)(DT)(DA) C,D
#
loop_
_chem_comp.id
_chem_comp.type
_chem_comp.name
_chem_comp.formula
DA DNA linking 2'-DEOXYADENOSINE-5'-MONOPHOSPHATE 'C10 H14 N5 O6 P'
DC DNA linking 2'-DEOXYCYTIDINE-5'-MONOPHOSPHATE 'C9 H14 N3 O7 P'
DG DNA linking 2'-DEOXYGUANOSINE-5'-MONOPHOSPHATE 'C10 H14 N5 O7 P'
DT DNA linking THYMIDINE-5'-MONOPHOSPHATE 'C10 H15 N2 O8 P'
#
# COMPACT_ATOMS: atom_id res chain seq x y z
N ILE A 30 -34.78 -0.49 2.14
CA ILE A 30 -34.51 -1.90 1.75
C ILE A 30 -34.12 -1.93 0.26
N LEU A 31 -33.12 -2.75 -0.08
CA LEU A 31 -32.57 -2.91 -1.45
C LEU A 31 -32.25 -4.38 -1.70
N GLU A 32 -32.45 -4.86 -2.93
CA GLU A 32 -31.98 -6.21 -3.37
C GLU A 32 -30.60 -6.05 -3.99
N ILE A 33 -29.62 -6.80 -3.49
CA ILE A 33 -28.18 -6.71 -3.92
C ILE A 33 -27.70 -8.10 -4.31
N PRO A 34 -26.72 -8.20 -5.25
CA PRO A 34 -26.10 -9.48 -5.59
C PRO A 34 -25.51 -10.21 -4.38
N VAL A 35 -25.83 -11.51 -4.25
CA VAL A 35 -25.26 -12.43 -3.22
C VAL A 35 -23.73 -12.47 -3.39
N ASN A 36 -23.23 -12.36 -4.61
CA ASN A 36 -21.78 -12.44 -4.93
C ASN A 36 -21.05 -11.17 -4.45
N ALA A 37 -21.75 -10.05 -4.31
CA ALA A 37 -21.19 -8.73 -3.94
C ALA A 37 -20.89 -8.65 -2.44
N ILE A 38 -21.54 -9.47 -1.62
CA ILE A 38 -21.46 -9.43 -0.12
C ILE A 38 -20.27 -10.28 0.35
N VAL A 39 -19.49 -9.76 1.31
CA VAL A 39 -18.39 -10.48 2.01
C VAL A 39 -18.65 -10.41 3.52
N PRO A 40 -18.14 -11.37 4.33
CA PRO A 40 -18.34 -11.34 5.77
C PRO A 40 -17.64 -10.15 6.45
N ASN A 41 -18.02 -9.84 7.69
CA ASN A 41 -17.34 -8.83 8.56
C ASN A 41 -15.82 -9.05 8.50
N ARG A 42 -15.08 -8.05 8.00
CA ARG A 42 -13.64 -8.18 7.65
C ARG A 42 -12.78 -8.14 8.91
N PHE A 43 -13.25 -7.49 10.00
CA PHE A 43 -12.50 -7.34 11.27
C PHE A 43 -12.61 -8.63 12.10
N GLN A 44 -13.68 -9.41 11.89
CA GLN A 44 -13.94 -10.64 12.67
C GLN A 44 -13.35 -11.83 11.92
N PRO A 45 -13.08 -12.97 12.61
CA PRO A 45 -12.71 -14.20 11.91
C PRO A 45 -13.93 -14.76 11.17
N ARG A 46 -13.72 -15.34 9.99
CA ARG A 46 -14.80 -15.93 9.14
C ARG A 46 -15.51 -17.01 9.96
N THR A 47 -16.81 -16.83 10.22
CA THR A 47 -17.68 -17.82 10.92
C THR A 47 -17.84 -19.09 10.06
N ILE A 48 -17.93 -20.25 10.71
CA ILE A 48 -18.24 -21.57 10.07
C ILE A 48 -19.53 -22.08 10.71
N PHE A 49 -20.58 -22.23 9.91
CA PHE A 49 -21.94 -22.66 10.32
C PHE A 49 -22.13 -24.16 10.02
N SER A 50 -23.00 -24.81 10.78
CA SER A 50 -23.44 -26.22 10.56
C SER A 50 -24.33 -26.28 9.32
N ASP A 51 -24.05 -27.21 8.40
CA ASP A 51 -24.84 -27.43 7.15
C ASP A 51 -26.31 -27.67 7.53
N GLU A 52 -26.56 -28.37 8.64
CA GLU A 52 -27.92 -28.73 9.14
C GLU A 52 -28.65 -27.47 9.60
N LYS A 53 -27.97 -26.61 10.39
CA LYS A 53 -28.52 -25.33 10.93
C LYS A 53 -28.84 -24.38 9.77
N ILE A 54 -27.99 -24.36 8.74
CA ILE A 54 -28.18 -23.56 7.49
C ILE A 54 -29.39 -24.11 6.72
N LYS A 55 -29.43 -25.42 6.48
CA LYS A 55 -30.56 -26.13 5.83
C LYS A 55 -31.85 -25.87 6.61
N GLU A 56 -31.78 -25.91 7.95
CA GLU A 56 -32.91 -25.64 8.86
C GLU A 56 -33.42 -24.21 8.62
N LEU A 57 -32.51 -23.25 8.42
CA LEU A 57 -32.85 -21.83 8.17
C LEU A 57 -33.37 -21.67 6.73
N ALA A 58 -32.72 -22.28 5.75
CA ALA A 58 -33.12 -22.28 4.31
C ALA A 58 -34.55 -22.84 4.17
N MET A 59 -34.91 -23.84 4.98
CA MET A 59 -36.27 -24.46 4.99
C MET A 59 -37.29 -23.50 5.64
N THR A 60 -36.84 -22.63 6.54
CA THR A 60 -37.66 -21.56 7.16
C THR A 60 -37.90 -20.44 6.15
N ILE A 61 -36.95 -20.22 5.24
CA ILE A 61 -37.04 -19.22 4.13
C ILE A 61 -37.93 -19.80 3.02
N HIS A 62 -37.75 -21.08 2.68
CA HIS A 62 -38.57 -21.80 1.66
C HIS A 62 -40.05 -21.78 2.06
N THR A 63 -40.36 -22.00 3.35
CA THR A 63 -41.74 -22.01 3.90
C THR A 63 -42.28 -20.57 3.98
N HIS A 64 -41.74 -19.74 4.88
CA HIS A 64 -42.32 -18.42 5.28
C HIS A 64 -41.75 -17.26 4.44
N GLY A 65 -40.72 -17.50 3.64
CA GLY A 65 -40.00 -16.45 2.89
C GLY A 65 -38.95 -15.75 3.74
N ILE A 66 -38.22 -14.81 3.15
CA ILE A 66 -37.25 -13.92 3.86
C ILE A 66 -38.06 -12.95 4.74
N ILE A 67 -37.71 -12.85 6.04
CA ILE A 67 -38.49 -12.14 7.09
C ILE A 67 -37.68 -10.96 7.65
N GLN A 68 -36.33 -11.06 7.66
CA GLN A 68 -35.44 -9.97 8.14
C GLN A 68 -34.31 -9.76 7.14
N PRO A 69 -34.22 -8.57 6.50
CA PRO A 69 -33.15 -8.31 5.53
C PRO A 69 -31.79 -8.16 6.23
N ILE A 70 -30.70 -8.56 5.56
CA ILE A 70 -29.30 -8.44 6.05
C ILE A 70 -28.93 -6.96 6.13
N VAL A 71 -27.96 -6.62 6.98
CA VAL A 71 -27.40 -5.24 7.11
C VAL A 71 -25.98 -5.26 6.55
N VAL A 72 -25.66 -4.35 5.63
CA VAL A 72 -24.34 -4.25 4.95
C VAL A 72 -23.90 -2.78 4.90
N ARG A 73 -22.69 -2.53 4.40
CA ARG A 73 -22.15 -1.20 4.03
C ARG A 73 -21.31 -1.35 2.76
N HIS A 74 -20.91 -0.25 2.14
CA HIS A 74 -20.04 -0.21 0.94
C HIS A 74 -18.59 -0.45 1.35
N THR A 75 -17.84 -1.21 0.54
CA THR A 75 -16.38 -1.44 0.69
C THR A 75 -15.64 -0.29 -0.03
N GLU A 76 -14.31 -0.38 -0.17
CA GLU A 76 -13.51 0.58 -0.97
C GLU A 76 -13.92 0.49 -2.46
N GLU A 77 -14.27 -0.72 -2.92
CA GLU A 77 -14.77 -0.97 -4.30
C GLU A 77 -16.27 -0.63 -4.35
N GLU A 78 -16.80 -0.32 -5.55
CA GLU A 78 -18.16 0.23 -5.76
C GLU A 78 -19.21 -0.89 -5.70
N GLY A 79 -19.06 -1.96 -6.50
CA GLY A 79 -20.07 -3.02 -6.66
C GLY A 79 -20.16 -3.95 -5.45
N GLN A 80 -19.34 -3.72 -4.42
CA GLN A 80 -19.05 -4.69 -3.33
C GLN A 80 -19.56 -4.15 -1.99
N TYR A 81 -20.24 -5.00 -1.21
CA TYR A 81 -20.79 -4.66 0.13
C TYR A 81 -20.15 -5.56 1.19
N GLU A 82 -19.92 -5.01 2.39
CA GLU A 82 -19.43 -5.76 3.58
C GLU A 82 -20.60 -5.98 4.54
N LEU A 83 -20.75 -7.20 5.04
CA LEU A 83 -21.88 -7.62 5.92
C LEU A 83 -21.62 -7.07 7.33
N ILE A 84 -22.66 -6.49 7.95
CA ILE A 84 -22.62 -5.96 9.35
C ILE A 84 -23.37 -6.93 10.25
N ALA A 85 -24.60 -7.29 9.88
CA ALA A 85 -25.44 -8.29 10.58
C ALA A 85 -26.11 -9.21 9.57
N GLY A 86 -26.46 -10.43 10.01
CA GLY A 86 -27.27 -11.41 9.26
C GLY A 86 -26.42 -12.32 8.38
N GLU A 87 -25.19 -12.63 8.79
CA GLU A 87 -24.27 -13.53 8.03
C GLU A 87 -24.94 -14.90 7.85
N ARG A 88 -25.66 -15.35 8.89
CA ARG A 88 -26.39 -16.65 8.92
C ARG A 88 -27.41 -16.70 7.76
N ARG A 89 -28.21 -15.63 7.61
CA ARG A 89 -29.32 -15.54 6.64
C ARG A 89 -28.74 -15.46 5.23
N TRP A 90 -27.68 -14.68 5.03
CA TRP A 90 -26.91 -14.56 3.75
C TRP A 90 -26.45 -15.95 3.27
N ARG A 91 -25.95 -16.78 4.19
CA ARG A 91 -25.44 -18.14 3.88
C ARG A 91 -26.62 -19.06 3.49
N ALA A 92 -27.76 -18.92 4.16
CA ALA A 92 -29.00 -19.67 3.88
C ALA A 92 -29.46 -19.42 2.43
N VAL A 93 -29.37 -18.17 1.96
CA VAL A 93 -29.82 -17.76 0.61
C VAL A 93 -28.75 -18.11 -0.43
N GLN A 94 -27.49 -18.26 0.00
CA GLN A 94 -26.38 -18.76 -0.87
C GLN A 94 -26.70 -20.21 -1.29
N SER A 95 -27.08 -21.05 -0.33
CA SER A 95 -27.42 -22.49 -0.54
C SER A 95 -28.72 -22.60 -1.36
N LEU A 96 -29.70 -21.72 -1.11
CA LEU A 96 -30.97 -21.67 -1.88
C LEU A 96 -30.71 -21.17 -3.31
N GLU A 97 -29.51 -20.64 -3.56
CA GLU A 97 -28.96 -20.34 -4.91
C GLU A 97 -29.68 -19.14 -5.54
N TRP A 98 -30.27 -18.24 -4.74
CA TRP A 98 -30.82 -16.94 -5.23
C TRP A 98 -29.67 -16.05 -5.71
N GLU A 99 -29.90 -15.26 -6.77
CA GLU A 99 -28.91 -14.30 -7.32
C GLU A 99 -28.94 -13.01 -6.50
N LYS A 100 -30.10 -12.71 -5.89
CA LYS A 100 -30.36 -11.42 -5.17
C LYS A 100 -30.74 -11.71 -3.72
N ILE A 101 -30.44 -10.78 -2.81
CA ILE A 101 -30.76 -10.86 -1.36
C ILE A 101 -31.23 -9.47 -0.89
N PRO A 102 -32.42 -9.36 -0.26
CA PRO A 102 -32.85 -8.13 0.39
C PRO A 102 -31.86 -7.68 1.48
N ALA A 103 -31.53 -6.38 1.52
CA ALA A 103 -30.45 -5.80 2.36
C ALA A 103 -30.81 -4.37 2.80
N ILE A 104 -30.24 -3.93 3.93
CA ILE A 104 -30.31 -2.51 4.43
C ILE A 104 -28.89 -1.94 4.43
N ILE A 105 -28.62 -0.97 3.55
CA ILE A 105 -27.31 -0.28 3.44
C ILE A 105 -27.17 0.65 4.64
N LYS A 106 -25.96 0.79 5.19
CA LYS A 106 -25.64 1.75 6.28
C LYS A 106 -24.69 2.83 5.75
N ASP A 107 -25.05 4.10 5.97
CA ASP A 107 -24.33 5.32 5.51
C ASP A 107 -23.73 6.01 6.73
N PHE A 108 -22.63 5.45 7.27
CA PHE A 108 -21.86 5.96 8.44
C PHE A 108 -20.72 6.86 7.92
N SER A 109 -20.49 8.00 8.59
CA SER A 109 -19.40 8.96 8.27
C SER A 109 -18.53 9.26 9.50
N ASP A 110 -19.14 9.62 10.63
CA ASP A 110 -18.46 10.27 11.80
C ASP A 110 -17.17 9.51 12.15
N THR A 111 -17.17 8.18 11.97
CA THR A 111 -16.00 7.29 12.20
C THR A 111 -15.64 6.59 10.88
N GLU A 112 -16.62 5.93 10.25
CA GLU A 112 -16.44 4.96 9.14
C GLU A 112 -15.60 5.60 8.03
N THR A 113 -16.02 6.76 7.51
CA THR A 113 -15.38 7.45 6.36
C THR A 113 -13.92 7.80 6.71
N ALA A 114 -13.66 8.22 7.94
CA ALA A 114 -12.31 8.61 8.43
C ALA A 114 -11.42 7.37 8.53
N SER A 115 -11.96 6.29 9.08
CA SER A 115 -11.24 4.99 9.26
C SER A 115 -10.95 4.37 7.89
N VAL A 116 -11.93 4.41 6.98
CA VAL A 116 -11.80 3.89 5.58
C VAL A 116 -10.68 4.66 4.87
N ALA A 117 -10.49 5.95 5.19
CA ALA A 117 -9.38 6.79 4.69
C ALA A 117 -8.05 6.25 5.23
N LEU A 118 -8.01 5.93 6.53
CA LEU A 118 -6.82 5.37 7.21
C LEU A 118 -6.45 4.02 6.57
N ILE A 119 -7.37 3.06 6.61
CA ILE A 119 -7.14 1.66 6.15
C ILE A 119 -6.67 1.68 4.69
N GLU A 120 -7.20 2.58 3.86
CA GLU A 120 -6.80 2.73 2.44
C GLU A 120 -5.39 3.34 2.38
N ASN A 121 -5.11 4.34 3.22
CA ASN A 121 -3.77 4.98 3.28
C ASN A 121 -2.73 3.94 3.75
N LEU A 122 -3.16 2.95 4.55
CA LEU A 122 -2.29 1.82 4.99
C LEU A 122 -2.12 0.83 3.83
N GLN A 123 -3.21 0.24 3.35
CA GLN A 123 -3.22 -0.77 2.25
C GLN A 123 -3.08 -0.07 0.88
N ARG A 124 -2.04 0.74 0.68
CA ARG A 124 -1.79 1.44 -0.62
C ARG A 124 -1.55 0.40 -1.71
N GLU A 125 -2.26 0.52 -2.85
CA GLU A 125 -2.20 -0.43 -3.98
C GLU A 125 -0.82 -0.34 -4.64
N GLU A 126 0.03 -1.36 -4.44
CA GLU A 126 1.44 -1.39 -4.92
C GLU A 126 1.47 -1.95 -6.34
N LEU A 127 2.19 -1.30 -7.25
CA LEU A 127 2.34 -1.76 -8.66
C LEU A 127 3.15 -3.07 -8.69
N SER A 128 2.74 -4.02 -9.54
CA SER A 128 3.40 -5.34 -9.74
C SER A 128 4.67 -5.17 -10.58
N SER A 129 5.53 -6.19 -10.60
CA SER A 129 6.81 -6.21 -11.36
C SER A 129 6.56 -5.82 -12.82
N ILE A 130 5.66 -6.52 -13.52
CA ILE A 130 5.42 -6.31 -14.98
C ILE A 130 4.90 -4.89 -15.20
N GLU A 131 4.06 -4.38 -14.29
CA GLU A 131 3.55 -2.98 -14.37
C GLU A 131 4.75 -2.02 -14.38
N GLU A 132 5.65 -2.18 -13.39
CA GLU A 132 6.89 -1.39 -13.25
C GLU A 132 7.77 -1.59 -14.50
N ALA A 133 7.95 -2.84 -14.94
CA ALA A 133 8.75 -3.20 -16.12
C ALA A 133 8.27 -2.39 -17.32
N HIS A 134 6.97 -2.40 -17.60
CA HIS A 134 6.32 -1.64 -18.71
C HIS A 134 6.60 -0.15 -18.53
N ALA A 135 6.48 0.36 -17.30
CA ALA A 135 6.75 1.77 -16.93
C ALA A 135 8.21 2.12 -17.25
N TYR A 136 9.15 1.27 -16.83
CA TYR A 136 10.61 1.47 -17.06
C TYR A 136 10.88 1.48 -18.57
N ALA A 137 10.32 0.51 -19.30
CA ALA A 137 10.51 0.31 -20.75
C ALA A 137 10.14 1.59 -21.49
N ARG A 138 8.96 2.13 -21.20
CA ARG A 138 8.42 3.37 -21.83
C ARG A 138 9.35 4.54 -21.52
N LEU A 139 9.65 4.76 -20.24
CA LEU A 139 10.52 5.87 -19.76
C LEU A 139 11.87 5.81 -20.48
N LEU A 140 12.40 4.62 -20.75
CA LEU A 140 13.71 4.43 -21.42
C LEU A 140 13.58 4.74 -22.92
N GLU A 141 12.48 4.29 -23.55
CA GLU A 141 12.19 4.54 -24.99
C GLU A 141 11.97 6.03 -25.22
N LEU A 142 11.09 6.65 -24.42
CA LEU A 142 10.53 8.01 -24.68
C LEU A 142 11.62 9.07 -24.52
N HIS A 143 12.31 9.07 -23.38
CA HIS A 143 13.25 10.15 -22.97
C HIS A 143 14.71 9.72 -23.18
N ASP A 144 14.93 8.64 -23.93
CA ASP A 144 16.29 8.11 -24.24
C ASP A 144 17.18 8.28 -23.00
N LEU A 145 16.82 7.58 -21.92
CA LEU A 145 17.56 7.52 -20.63
C LEU A 145 18.44 6.27 -20.60
N THR A 146 19.51 6.29 -19.83
CA THR A 146 20.25 5.06 -19.44
C THR A 146 19.48 4.37 -18.31
N GLN A 147 19.66 3.07 -18.15
CA GLN A 147 19.11 2.30 -16.99
C GLN A 147 19.70 2.91 -15.71
N GLU A 148 21.00 3.19 -15.70
CA GLU A 148 21.71 3.94 -14.63
C GLU A 148 20.90 5.20 -14.27
N ALA A 149 20.62 6.02 -15.28
CA ALA A 149 19.92 7.32 -15.13
C ALA A 149 18.57 7.10 -14.45
N LEU A 150 17.77 6.16 -14.97
CA LEU A 150 16.42 5.84 -14.43
C LEU A 150 16.56 5.35 -12.98
N ALA A 151 17.43 4.36 -12.77
CA ALA A 151 17.73 3.77 -11.45
C ALA A 151 18.09 4.88 -10.46
N GLN A 152 18.95 5.82 -10.87
CA GLN A 152 19.31 7.00 -10.04
C GLN A 152 18.03 7.71 -9.58
N ARG A 153 17.17 8.10 -10.52
CA ARG A 153 15.95 8.91 -10.26
C ARG A 153 15.04 8.15 -9.29
N LEU A 154 14.80 6.86 -9.53
CA LEU A 154 13.86 6.02 -8.73
C LEU A 154 14.54 5.57 -7.43
N GLY A 155 15.81 5.94 -7.22
CA GLY A 155 16.61 5.54 -6.05
C GLY A 155 16.77 4.04 -5.95
N LYS A 156 17.03 3.38 -7.08
CA LYS A 156 17.24 1.90 -7.18
C LYS A 156 18.59 1.64 -7.86
N GLY A 157 19.02 0.38 -7.89
CA GLY A 157 20.26 -0.04 -8.57
C GLY A 157 19.98 -0.42 -10.01
N GLN A 158 20.92 -0.09 -10.92
CA GLN A 158 20.79 -0.38 -12.37
C GLN A 158 20.31 -1.83 -12.57
N SER A 159 20.89 -2.78 -11.83
CA SER A 159 20.57 -4.23 -11.92
C SER A 159 19.09 -4.49 -11.59
N THR A 160 18.53 -3.78 -10.60
CA THR A 160 17.10 -3.90 -10.19
C THR A 160 16.21 -3.55 -11.38
N ILE A 161 16.56 -2.48 -12.11
CA ILE A 161 15.81 -2.00 -13.32
C ILE A 161 15.95 -3.07 -14.41
N ALA A 162 17.16 -3.54 -14.67
CA ALA A 162 17.48 -4.55 -15.71
C ALA A 162 16.65 -5.81 -15.48
N ASN A 163 16.63 -6.30 -14.24
CA ASN A 163 16.01 -7.60 -13.85
C ASN A 163 14.48 -7.52 -13.92
N LYS A 164 13.91 -6.32 -13.81
CA LYS A 164 12.45 -6.10 -14.01
C LYS A 164 12.16 -6.19 -15.51
N LEU A 165 12.89 -5.44 -16.32
CA LEU A 165 12.76 -5.39 -17.81
C LEU A 165 12.88 -6.80 -18.39
N ARG A 166 13.70 -7.66 -17.80
CA ARG A 166 13.88 -9.07 -18.25
C ARG A 166 12.53 -9.81 -18.25
N LEU A 167 11.66 -9.52 -17.27
CA LEU A 167 10.36 -10.21 -17.07
C LEU A 167 9.45 -10.00 -18.30
N LEU A 168 9.71 -8.98 -19.12
CA LEU A 168 8.88 -8.65 -20.31
C LEU A 168 9.01 -9.74 -21.37
N LYS A 169 10.09 -10.53 -21.34
CA LYS A 169 10.33 -11.63 -22.30
C LYS A 169 9.53 -12.88 -21.89
N LEU A 170 9.01 -12.92 -20.67
CA LEU A 170 8.27 -14.11 -20.12
C LEU A 170 6.91 -14.23 -20.80
N PRO A 171 6.37 -15.47 -20.90
CA PRO A 171 5.04 -15.71 -21.45
C PRO A 171 3.93 -14.90 -20.75
N GLN A 172 2.92 -14.46 -21.53
CA GLN A 172 1.81 -13.59 -21.06
C GLN A 172 1.10 -14.23 -19.86
N PRO A 173 0.85 -15.56 -19.87
CA PRO A 173 0.26 -16.23 -18.69
C PRO A 173 1.05 -15.94 -17.40
N VAL A 174 2.39 -15.98 -17.47
CA VAL A 174 3.29 -15.72 -16.31
C VAL A 174 3.16 -14.25 -15.92
N GLN A 175 3.15 -13.35 -16.91
CA GLN A 175 3.02 -11.88 -16.69
C GLN A 175 1.70 -11.59 -15.96
N GLU A 176 0.61 -12.28 -16.31
CA GLU A 176 -0.72 -12.13 -15.66
C GLU A 176 -0.62 -12.56 -14.20
N ALA A 177 0.00 -13.72 -13.94
CA ALA A 177 0.20 -14.30 -12.59
C ALA A 177 0.92 -13.30 -11.68
N ILE A 178 1.90 -12.57 -12.23
CA ILE A 178 2.64 -11.48 -11.51
C ILE A 178 1.63 -10.38 -11.17
N MET A 179 0.84 -9.94 -12.15
CA MET A 179 -0.14 -8.82 -12.02
C MET A 179 -1.20 -9.21 -11.00
N GLU A 180 -1.81 -10.39 -11.17
CA GLU A 180 -2.84 -10.97 -10.26
C GLU A 180 -2.21 -11.35 -8.92
N LYS A 181 -0.90 -11.15 -8.76
CA LYS A 181 -0.13 -11.32 -7.49
C LYS A 181 -0.16 -12.80 -7.06
N LYS A 182 -0.39 -13.71 -8.01
CA LYS A 182 -0.41 -15.18 -7.78
C LYS A 182 1.02 -15.65 -7.48
N ILE A 183 2.02 -15.00 -8.09
CA ILE A 183 3.47 -15.26 -7.84
C ILE A 183 4.21 -13.94 -7.61
N THR A 184 5.39 -14.02 -7.00
CA THR A 184 6.29 -12.89 -6.69
C THR A 184 7.26 -12.65 -7.86
N GLU A 185 7.93 -11.50 -7.88
CA GLU A 185 8.90 -11.12 -8.92
C GLU A 185 9.92 -12.26 -9.06
N ARG A 186 10.51 -12.65 -7.94
CA ARG A 186 11.62 -13.64 -7.87
C ARG A 186 11.15 -14.99 -8.43
N HIS A 187 9.89 -15.37 -8.18
CA HIS A 187 9.25 -16.56 -8.78
C HIS A 187 9.39 -16.50 -10.32
N ALA A 188 8.92 -15.42 -10.92
CA ALA A 188 8.90 -15.21 -12.40
C ALA A 188 10.34 -15.18 -12.94
N ARG A 189 11.23 -14.49 -12.24
CA ARG A 189 12.68 -14.39 -12.58
C ARG A 189 13.29 -15.79 -12.66
N ALA A 190 12.89 -16.70 -11.75
CA ALA A 190 13.44 -18.06 -11.62
C ALA A 190 13.06 -18.90 -12.84
N LEU A 191 11.97 -18.54 -13.54
CA LEU A 191 11.46 -19.28 -14.73
C LEU A 191 12.31 -18.93 -15.97
N ILE A 192 12.94 -17.75 -15.99
CA ILE A 192 13.60 -17.18 -17.20
C ILE A 192 14.61 -18.18 -17.76
N PRO A 193 15.52 -18.78 -16.95
CA PRO A 193 16.50 -19.74 -17.45
C PRO A 193 15.96 -20.86 -18.36
N LEU A 194 14.74 -21.36 -18.12
CA LEU A 194 14.12 -22.46 -18.92
C LEU A 194 14.05 -22.09 -20.41
N LYS A 195 13.91 -20.79 -20.73
CA LYS A 195 13.97 -20.24 -22.11
C LYS A 195 12.80 -20.75 -22.97
N GLN A 196 12.21 -21.91 -22.65
CA GLN A 196 11.10 -22.52 -23.43
C GLN A 196 9.76 -22.13 -22.79
N PRO A 197 8.91 -21.31 -23.46
CA PRO A 197 7.65 -20.85 -22.88
C PRO A 197 6.73 -21.96 -22.33
N GLU A 198 6.76 -23.15 -22.94
CA GLU A 198 5.89 -24.30 -22.57
C GLU A 198 6.33 -24.82 -21.20
N LEU A 199 7.64 -24.95 -20.99
CA LEU A 199 8.26 -25.45 -19.72
C LEU A 199 7.93 -24.50 -18.57
N GLN A 200 7.92 -23.19 -18.85
CA GLN A 200 7.72 -22.11 -17.86
C GLN A 200 6.27 -22.15 -17.36
N VAL A 201 5.31 -22.10 -18.28
CA VAL A 201 3.85 -22.11 -17.98
C VAL A 201 3.52 -23.39 -17.21
N THR A 202 4.22 -24.49 -17.50
CA THR A 202 4.10 -25.77 -16.76
C THR A 202 4.40 -25.50 -15.28
N LEU A 203 5.60 -24.96 -14.98
CA LEU A 203 6.08 -24.77 -13.59
C LEU A 203 5.20 -23.72 -12.90
N LEU A 204 4.83 -22.64 -13.60
CA LEU A 204 3.95 -21.57 -13.08
C LEU A 204 2.76 -22.22 -12.34
N THR A 205 2.09 -23.18 -13.00
CA THR A 205 0.88 -23.86 -12.48
C THR A 205 1.29 -24.71 -11.26
N GLU A 206 2.46 -25.36 -11.32
CA GLU A 206 2.99 -26.20 -10.23
C GLU A 206 3.31 -25.32 -9.01
N ILE A 207 3.90 -24.13 -9.23
CA ILE A 207 4.24 -23.14 -8.16
C ILE A 207 2.95 -22.77 -7.41
N ILE A 208 1.87 -22.52 -8.14
CA ILE A 208 0.55 -22.10 -7.58
C ILE A 208 -0.08 -23.31 -6.86
N GLU A 209 -0.19 -24.46 -7.53
CA GLU A 209 -0.86 -25.68 -7.03
C GLU A 209 -0.19 -26.17 -5.74
N LYS A 210 1.14 -26.23 -5.71
CA LYS A 210 1.93 -26.76 -4.55
C LYS A 210 2.37 -25.62 -3.62
N SER A 211 1.96 -24.38 -3.90
CA SER A 211 2.36 -23.14 -3.16
C SER A 211 3.87 -23.17 -2.88
N LEU A 212 4.68 -23.28 -3.94
CA LEU A 212 6.17 -23.36 -3.85
C LEU A 212 6.73 -21.95 -3.57
N ASN A 213 7.73 -21.87 -2.70
CA ASN A 213 8.55 -20.64 -2.47
C ASN A 213 9.56 -20.52 -3.62
N VAL A 214 10.38 -19.47 -3.64
CA VAL A 214 11.34 -19.23 -4.77
C VAL A 214 12.50 -20.23 -4.68
N LYS A 215 13.00 -20.52 -3.48
CA LYS A 215 14.11 -21.48 -3.25
C LYS A 215 13.76 -22.82 -3.90
N GLN A 216 12.55 -23.33 -3.66
CA GLN A 216 12.03 -24.58 -4.26
C GLN A 216 11.95 -24.42 -5.78
N THR A 217 11.40 -23.30 -6.25
CA THR A 217 11.18 -22.99 -7.69
C THR A 217 12.53 -22.99 -8.42
N GLU A 218 13.57 -22.46 -7.77
CA GLU A 218 14.96 -22.38 -8.33
C GLU A 218 15.51 -23.80 -8.49
N ASP A 219 15.27 -24.67 -7.52
CA ASP A 219 15.72 -26.10 -7.51
C ASP A 219 14.96 -26.88 -8.58
N ARG A 220 13.64 -26.72 -8.61
CA ARG A 220 12.73 -27.36 -9.60
C ARG A 220 13.21 -27.06 -11.03
N VAL A 221 13.75 -25.86 -11.26
CA VAL A 221 14.32 -25.42 -12.57
C VAL A 221 15.64 -26.17 -12.81
N VAL A 222 16.57 -26.10 -11.86
CA VAL A 222 17.90 -26.79 -11.93
C VAL A 222 17.68 -28.24 -12.40
N LYS A 223 16.73 -28.93 -11.76
CA LYS A 223 16.43 -30.37 -11.96
C LYS A 223 15.88 -30.58 -13.38
N MET A 224 15.14 -29.61 -13.91
CA MET A 224 14.54 -29.66 -15.28
C MET A 224 15.60 -29.36 -16.34
N LEU A 225 16.72 -28.73 -15.96
CA LEU A 225 17.86 -28.43 -16.88
C LEU A 225 18.87 -29.58 -16.86
N GLU A 226 18.63 -30.62 -16.06
CA GLU A 226 19.36 -31.91 -16.08
C GLU A 226 18.53 -32.96 -16.84
N GLN A 227 17.22 -32.73 -16.98
CA GLN A 227 16.30 -33.55 -17.83
C GLN A 227 16.42 -33.10 -19.29
N GLY A 228 16.87 -31.85 -19.52
CA GLY A 228 17.25 -31.33 -20.84
C GLY A 228 18.51 -31.99 -21.38
N GLN A 229 19.37 -32.50 -20.49
CA GLN A 229 20.64 -33.21 -20.82
C GLN A 229 20.34 -34.64 -21.27
N ARG A 230 19.40 -35.32 -20.60
CA ARG A 230 18.90 -36.67 -20.99
C ARG A 230 17.67 -36.50 -21.89
N GLU B 28 16.36 28.54 -11.74
CA GLU B 28 15.10 28.46 -10.92
C GLU B 28 14.49 29.85 -10.80
N GLU B 29 13.18 29.92 -10.51
CA GLU B 29 12.41 31.19 -10.34
C GLU B 29 11.02 30.86 -9.80
N ILE B 30 10.64 31.46 -8.65
CA ILE B 30 9.33 31.26 -7.97
C ILE B 30 8.42 32.45 -8.28
N LEU B 31 7.14 32.18 -8.54
CA LEU B 31 6.10 33.17 -8.92
C LEU B 31 4.79 32.81 -8.20
N GLU B 32 4.01 33.82 -7.81
CA GLU B 32 2.68 33.64 -7.17
C GLU B 32 1.61 33.61 -8.25
N ILE B 33 0.78 32.56 -8.25
CA ILE B 33 -0.29 32.36 -9.27
C ILE B 33 -1.63 32.13 -8.56
N PRO B 34 -2.76 32.49 -9.19
CA PRO B 34 -4.09 32.21 -8.63
C PRO B 34 -4.30 30.71 -8.35
N VAL B 35 -4.79 30.40 -7.15
CA VAL B 35 -5.18 29.02 -6.71
C VAL B 35 -6.27 28.50 -7.67
N ASN B 36 -7.14 29.39 -8.15
CA ASN B 36 -8.30 29.08 -9.03
C ASN B 36 -7.81 28.67 -10.43
N ALA B 37 -6.63 29.11 -10.84
CA ALA B 37 -6.06 28.92 -12.20
C ALA B 37 -5.48 27.51 -12.36
N ILE B 38 -5.13 26.84 -11.25
CA ILE B 38 -4.41 25.54 -11.25
C ILE B 38 -5.43 24.39 -11.34
N VAL B 39 -5.14 23.39 -12.18
CA VAL B 39 -5.92 22.11 -12.31
C VAL B 39 -4.97 20.95 -12.09
N PRO B 40 -5.45 19.77 -11.62
CA PRO B 40 -4.59 18.62 -11.37
C PRO B 40 -3.96 18.07 -12.67
N ASN B 41 -2.82 17.38 -12.52
CA ASN B 41 -2.07 16.75 -13.64
C ASN B 41 -3.04 15.81 -14.38
N ARG B 42 -3.24 16.02 -15.69
CA ARG B 42 -4.14 15.22 -16.56
C ARG B 42 -3.86 13.71 -16.44
N PHE B 43 -2.58 13.35 -16.56
CA PHE B 43 -2.08 11.97 -16.77
C PHE B 43 -2.02 11.23 -15.43
N GLN B 44 -1.91 11.96 -14.33
CA GLN B 44 -2.00 11.46 -12.93
C GLN B 44 -3.42 10.97 -12.66
N PRO B 45 -3.60 9.80 -12.01
CA PRO B 45 -4.92 9.35 -11.58
C PRO B 45 -5.43 10.23 -10.43
N ARG B 46 -6.74 10.48 -10.38
CA ARG B 46 -7.40 11.37 -9.39
C ARG B 46 -6.98 10.96 -7.97
N THR B 47 -6.13 11.77 -7.33
CA THR B 47 -5.50 11.49 -6.01
C THR B 47 -6.58 11.54 -4.92
N ILE B 48 -6.41 10.71 -3.89
CA ILE B 48 -7.26 10.72 -2.65
C ILE B 48 -6.37 11.07 -1.46
N PHE B 49 -6.57 12.26 -0.88
CA PHE B 49 -5.85 12.73 0.33
C PHE B 49 -6.83 12.71 1.50
N SER B 50 -6.32 12.40 2.70
CA SER B 50 -7.07 12.49 3.98
C SER B 50 -7.25 13.96 4.35
N ASP B 51 -8.47 14.39 4.69
CA ASP B 51 -8.78 15.77 5.15
C ASP B 51 -7.87 16.13 6.33
N GLU B 52 -7.57 15.17 7.20
CA GLU B 52 -6.74 15.35 8.43
C GLU B 52 -5.27 15.60 8.01
N LYS B 53 -4.74 14.81 7.07
CA LYS B 53 -3.35 14.93 6.55
C LYS B 53 -3.18 16.27 5.84
N ILE B 54 -4.20 16.72 5.10
CA ILE B 54 -4.26 18.05 4.40
C ILE B 54 -4.27 19.16 5.47
N LYS B 55 -5.19 19.08 6.44
CA LYS B 55 -5.30 20.02 7.58
C LYS B 55 -3.98 20.06 8.34
N GLU B 56 -3.35 18.91 8.55
CA GLU B 56 -2.03 18.77 9.23
C GLU B 56 -0.98 19.57 8.46
N LEU B 57 -0.99 19.50 7.12
CA LEU B 57 -0.04 20.23 6.23
C LEU B 57 -0.39 21.71 6.23
N ALA B 58 -1.68 22.05 6.08
CA ALA B 58 -2.20 23.44 6.05
C ALA B 58 -1.81 24.16 7.35
N MET B 59 -1.83 23.44 8.48
CA MET B 59 -1.49 23.98 9.84
C MET B 59 0.01 24.21 9.95
N THR B 60 0.82 23.44 9.22
CA THR B 60 2.30 23.59 9.12
C THR B 60 2.63 24.84 8.29
N ILE B 61 1.79 25.14 7.29
CA ILE B 61 1.92 26.34 6.42
C ILE B 61 1.43 27.57 7.20
N HIS B 62 0.29 27.45 7.87
CA HIS B 62 -0.37 28.55 8.64
C HIS B 62 0.57 29.04 9.74
N THR B 63 1.27 28.12 10.44
CA THR B 63 2.15 28.43 11.59
C THR B 63 3.42 29.15 11.13
N HIS B 64 4.27 28.48 10.35
CA HIS B 64 5.63 28.94 9.97
C HIS B 64 5.59 29.72 8.64
N GLY B 65 4.46 29.71 7.92
CA GLY B 65 4.22 30.55 6.73
C GLY B 65 5.22 30.26 5.63
N ILE B 66 5.56 28.98 5.44
CA ILE B 66 6.57 28.49 4.46
C ILE B 66 5.96 27.30 3.71
N ILE B 67 6.06 27.31 2.38
CA ILE B 67 5.60 26.21 1.48
C ILE B 67 6.71 25.92 0.47
N GLN B 68 6.97 24.64 0.19
CA GLN B 68 7.72 24.18 -0.99
C GLN B 68 6.86 24.52 -2.21
N PRO B 69 7.36 25.32 -3.18
CA PRO B 69 6.50 25.81 -4.25
C PRO B 69 6.09 24.69 -5.21
N ILE B 70 4.84 24.71 -5.66
CA ILE B 70 4.27 23.73 -6.62
C ILE B 70 4.95 23.92 -7.98
N VAL B 71 4.97 22.88 -8.79
CA VAL B 71 5.47 22.92 -10.19
C VAL B 71 4.27 22.79 -11.13
N VAL B 72 4.15 23.72 -12.08
CA VAL B 72 3.01 23.80 -13.04
C VAL B 72 3.56 24.08 -14.45
N ARG B 73 2.67 24.09 -15.44
CA ARG B 73 2.92 24.58 -16.82
C ARG B 73 1.65 25.29 -17.31
N HIS B 74 1.73 25.99 -18.44
CA HIS B 74 0.59 26.69 -19.09
C HIS B 74 -0.27 25.66 -19.82
N THR B 75 -1.60 25.82 -19.78
CA THR B 75 -2.58 24.99 -20.51
C THR B 75 -2.76 25.58 -21.92
N GLU B 76 -3.71 25.06 -22.69
CA GLU B 76 -4.12 25.61 -24.01
C GLU B 76 -4.67 27.03 -23.81
N GLU B 77 -5.40 27.26 -22.71
CA GLU B 77 -5.98 28.57 -22.34
C GLU B 77 -4.90 29.41 -21.66
N GLU B 78 -5.04 30.74 -21.71
CA GLU B 78 -4.15 31.72 -21.02
C GLU B 78 -4.63 31.88 -19.58
N GLY B 79 -3.72 32.20 -18.66
CA GLY B 79 -4.02 32.48 -17.24
C GLY B 79 -4.41 31.22 -16.48
N GLN B 80 -4.41 30.05 -17.14
CA GLN B 80 -4.73 28.72 -16.56
C GLN B 80 -3.45 27.86 -16.58
N TYR B 81 -3.13 27.23 -15.46
CA TYR B 81 -1.91 26.40 -15.26
C TYR B 81 -2.32 24.96 -14.93
N GLU B 82 -1.55 23.98 -15.42
CA GLU B 82 -1.71 22.55 -15.10
C GLU B 82 -0.61 22.15 -14.13
N LEU B 83 -0.98 21.45 -13.05
CA LEU B 83 -0.06 21.02 -11.97
C LEU B 83 0.78 19.83 -12.47
N ILE B 84 2.09 19.88 -12.23
CA ILE B 84 3.06 18.80 -12.59
C ILE B 84 3.42 18.04 -11.31
N ALA B 85 3.84 18.78 -10.26
CA ALA B 85 4.14 18.24 -8.92
C ALA B 85 3.53 19.15 -7.83
N GLY B 86 3.27 18.61 -6.65
CA GLY B 86 2.88 19.37 -5.44
C GLY B 86 1.37 19.53 -5.31
N GLU B 87 0.59 18.57 -5.81
CA GLU B 87 -0.90 18.59 -5.72
C GLU B 87 -1.32 18.66 -4.25
N ARG B 88 -0.59 17.97 -3.36
CA ARG B 88 -0.85 17.91 -1.90
C ARG B 88 -0.78 19.33 -1.30
N ARG B 89 0.26 20.10 -1.65
CA ARG B 89 0.53 21.45 -1.10
C ARG B 89 -0.52 22.43 -1.63
N TRP B 90 -0.87 22.32 -2.92
CA TRP B 90 -1.93 23.12 -3.59
C TRP B 90 -3.26 22.96 -2.85
N ARG B 91 -3.60 21.72 -2.45
CA ARG B 91 -4.86 21.40 -1.73
C ARG B 91 -4.83 22.04 -0.33
N ALA B 92 -3.67 22.01 0.34
CA ALA B 92 -3.46 22.60 1.67
C ALA B 92 -3.78 24.10 1.64
N VAL B 93 -3.34 24.80 0.59
CA VAL B 93 -3.50 26.27 0.43
C VAL B 93 -4.94 26.58 -0.04
N GLN B 94 -5.61 25.63 -0.70
CA GLN B 94 -7.05 25.74 -1.06
C GLN B 94 -7.89 25.85 0.22
N SER B 95 -7.64 24.96 1.18
CA SER B 95 -8.35 24.90 2.50
C SER B 95 -8.01 26.13 3.34
N LEU B 96 -6.75 26.60 3.30
CA LEU B 96 -6.30 27.83 4.00
C LEU B 96 -6.94 29.07 3.36
N GLU B 97 -7.54 28.91 2.18
CA GLU B 97 -8.40 29.91 1.49
C GLU B 97 -7.56 31.10 0.99
N TRP B 98 -6.27 30.91 0.76
CA TRP B 98 -5.39 31.94 0.13
C TRP B 98 -5.79 32.09 -1.34
N GLU B 99 -5.69 33.32 -1.88
CA GLU B 99 -5.97 33.63 -3.30
C GLU B 99 -4.78 33.25 -4.17
N LYS B 100 -3.57 33.19 -3.58
CA LYS B 100 -2.27 33.05 -4.28
C LYS B 100 -1.55 31.77 -3.79
N ILE B 101 -0.69 31.20 -4.64
CA ILE B 101 0.21 30.05 -4.30
C ILE B 101 1.55 30.26 -5.01
N PRO B 102 2.69 30.24 -4.29
CA PRO B 102 4.02 30.19 -4.93
C PRO B 102 4.17 28.97 -5.83
N ALA B 103 4.75 29.15 -7.03
CA ALA B 103 4.79 28.15 -8.12
C ALA B 103 6.06 28.31 -8.97
N ILE B 104 6.51 27.22 -9.59
CA ILE B 104 7.63 27.18 -10.58
C ILE B 104 7.07 26.74 -11.93
N ILE B 105 7.05 27.65 -12.92
CA ILE B 105 6.55 27.35 -14.30
C ILE B 105 7.61 26.50 -14.99
N LYS B 106 7.18 25.50 -15.77
CA LYS B 106 8.03 24.56 -16.55
C LYS B 106 7.41 24.45 -17.95
N ASP B 107 8.25 24.49 -18.99
CA ASP B 107 7.81 24.35 -20.41
C ASP B 107 7.87 22.88 -20.82
N PHE B 108 7.01 22.05 -20.24
CA PHE B 108 6.95 20.58 -20.44
C PHE B 108 5.89 20.26 -21.50
N SER B 109 6.21 19.33 -22.41
CA SER B 109 5.29 18.77 -23.42
C SER B 109 4.42 17.69 -22.78
N ASP B 110 3.26 17.43 -23.37
CA ASP B 110 2.26 16.43 -22.89
C ASP B 110 2.97 15.11 -22.56
N THR B 111 4.06 14.78 -23.27
CA THR B 111 4.87 13.55 -23.04
C THR B 111 5.66 13.68 -21.73
N GLU B 112 6.45 14.75 -21.57
CA GLU B 112 7.22 15.06 -20.34
C GLU B 112 6.28 15.02 -19.13
N THR B 113 5.16 15.75 -19.20
CA THR B 113 4.12 15.85 -18.14
C THR B 113 3.59 14.45 -17.78
N ALA B 114 3.37 13.59 -18.78
CA ALA B 114 2.82 12.23 -18.62
C ALA B 114 3.87 11.33 -17.94
N SER B 115 5.13 11.43 -18.36
CA SER B 115 6.27 10.65 -17.81
C SER B 115 6.54 11.08 -16.36
N VAL B 116 6.48 12.38 -16.07
CA VAL B 116 6.64 12.94 -14.70
C VAL B 116 5.54 12.35 -13.80
N ALA B 117 4.34 12.13 -14.34
CA ALA B 117 3.22 11.46 -13.65
C ALA B 117 3.58 9.99 -13.37
N LEU B 118 4.16 9.30 -14.36
CA LEU B 118 4.63 7.90 -14.24
C LEU B 118 5.68 7.79 -13.14
N ILE B 119 6.80 8.53 -13.25
CA ILE B 119 7.95 8.44 -12.30
C ILE B 119 7.46 8.70 -10.87
N GLU B 120 6.50 9.61 -10.68
CA GLU B 120 5.90 9.89 -9.34
C GLU B 120 5.03 8.70 -8.92
N ASN B 121 4.24 8.14 -9.85
CA ASN B 121 3.39 6.95 -9.58
C ASN B 121 4.29 5.75 -9.23
N LEU B 122 5.52 5.71 -9.75
CA LEU B 122 6.53 4.67 -9.43
C LEU B 122 7.09 4.95 -8.04
N GLN B 123 7.74 6.11 -7.83
CA GLN B 123 8.38 6.46 -6.53
C GLN B 123 7.33 7.01 -5.56
N ARG B 124 6.27 6.24 -5.30
CA ARG B 124 5.21 6.59 -4.30
C ARG B 124 5.85 6.63 -2.90
N GLU B 125 5.59 7.69 -2.13
CA GLU B 125 6.03 7.84 -0.71
C GLU B 125 5.36 6.76 0.15
N GLU B 126 6.14 5.76 0.59
CA GLU B 126 5.66 4.63 1.44
C GLU B 126 5.71 5.05 2.92
N LEU B 127 4.65 4.77 3.68
CA LEU B 127 4.44 5.24 5.09
C LEU B 127 5.50 4.62 6.00
N SER B 128 6.04 5.40 6.93
CA SER B 128 7.06 4.97 7.92
C SER B 128 6.39 4.18 9.06
N SER B 129 7.19 3.47 9.83
CA SER B 129 6.75 2.64 10.99
C SER B 129 5.88 3.50 11.93
N ILE B 130 6.41 4.64 12.39
CA ILE B 130 5.74 5.55 13.36
C ILE B 130 4.41 6.00 12.80
N GLU B 131 4.37 6.33 11.50
CA GLU B 131 3.13 6.77 10.80
C GLU B 131 2.09 5.67 10.96
N GLU B 132 2.45 4.44 10.58
CA GLU B 132 1.58 3.23 10.69
C GLU B 132 1.20 3.01 12.17
N ALA B 133 2.15 3.09 13.09
CA ALA B 133 1.94 2.92 14.54
C ALA B 133 0.82 3.85 15.01
N HIS B 134 0.93 5.14 14.67
CA HIS B 134 -0.07 6.19 15.01
C HIS B 134 -1.43 5.83 14.37
N ALA B 135 -1.40 5.36 13.12
CA ALA B 135 -2.60 4.93 12.37
C ALA B 135 -3.28 3.76 13.10
N TYR B 136 -2.49 2.75 13.51
CA TYR B 136 -3.00 1.56 14.23
C TYR B 136 -3.64 2.00 15.55
N ALA B 137 -2.94 2.85 16.31
CA ALA B 137 -3.37 3.35 17.63
C ALA B 137 -4.76 4.00 17.51
N ARG B 138 -4.93 4.90 16.54
CA ARG B 138 -6.20 5.62 16.28
C ARG B 138 -7.30 4.60 15.92
N LEU B 139 -7.04 3.74 14.93
CA LEU B 139 -8.00 2.69 14.47
C LEU B 139 -8.46 1.84 15.65
N LEU B 140 -7.58 1.56 16.61
CA LEU B 140 -7.90 0.74 17.81
C LEU B 140 -8.75 1.56 18.79
N GLU B 141 -8.43 2.85 18.97
CA GLU B 141 -9.20 3.78 19.84
C GLU B 141 -10.60 3.99 19.27
N LEU B 142 -10.71 4.29 17.97
CA LEU B 142 -11.97 4.65 17.25
C LEU B 142 -13.01 3.53 17.33
N HIS B 143 -12.66 2.31 16.88
CA HIS B 143 -13.61 1.19 16.67
C HIS B 143 -13.61 0.22 17.86
N ASP B 144 -12.95 0.57 18.96
CA ASP B 144 -12.70 -0.35 20.12
C ASP B 144 -12.48 -1.77 19.57
N LEU B 145 -11.40 -1.93 18.80
CA LEU B 145 -10.99 -3.19 18.13
C LEU B 145 -9.89 -3.87 18.97
N THR B 146 -9.77 -5.19 18.86
CA THR B 146 -8.57 -5.96 19.29
C THR B 146 -7.48 -5.78 18.23
N GLN B 147 -6.21 -5.97 18.61
CA GLN B 147 -5.07 -6.02 17.66
C GLN B 147 -5.32 -7.14 16.64
N GLU B 148 -5.77 -8.29 17.12
CA GLU B 148 -6.22 -9.44 16.27
C GLU B 148 -7.19 -8.91 15.21
N ALA B 149 -8.25 -8.23 15.65
CA ALA B 149 -9.32 -7.69 14.77
C ALA B 149 -8.72 -6.77 13.71
N LEU B 150 -7.87 -5.81 14.10
CA LEU B 150 -7.20 -4.86 13.18
C LEU B 150 -6.32 -5.63 12.20
N ALA B 151 -5.45 -6.50 12.73
CA ALA B 151 -4.52 -7.36 11.94
C ALA B 151 -5.34 -8.14 10.89
N GLN B 152 -6.47 -8.72 11.29
CA GLN B 152 -7.41 -9.40 10.35
C GLN B 152 -7.73 -8.47 9.18
N ARG B 153 -8.24 -7.27 9.48
CA ARG B 153 -8.73 -6.29 8.46
C ARG B 153 -7.58 -5.90 7.53
N LEU B 154 -6.40 -5.60 8.06
CA LEU B 154 -5.23 -5.13 7.28
C LEU B 154 -4.52 -6.32 6.60
N GLY B 155 -5.00 -7.54 6.84
CA GLY B 155 -4.39 -8.78 6.32
C GLY B 155 -2.96 -8.95 6.83
N LYS B 156 -2.73 -8.66 8.11
CA LYS B 156 -1.39 -8.76 8.77
C LYS B 156 -1.51 -9.65 10.01
N GLY B 157 -0.38 -9.96 10.65
CA GLY B 157 -0.32 -10.78 11.87
C GLY B 157 -0.42 -9.90 13.11
N GLN B 158 -1.14 -10.35 14.14
CA GLN B 158 -1.34 -9.60 15.40
C GLN B 158 0.00 -9.06 15.89
N SER B 159 1.05 -9.89 15.85
CA SER B 159 2.41 -9.55 16.33
C SER B 159 2.98 -8.35 15.54
N THR B 160 2.74 -8.29 14.23
CA THR B 160 3.20 -7.17 13.36
C THR B 160 2.60 -5.86 13.86
N ILE B 161 1.32 -5.88 14.21
CA ILE B 161 0.57 -4.70 14.73
C ILE B 161 1.17 -4.31 16.10
N ALA B 162 1.34 -5.29 16.98
CA ALA B 162 1.88 -5.12 18.35
C ALA B 162 3.25 -4.44 18.28
N ASN B 163 4.14 -4.96 17.43
CA ASN B 163 5.57 -4.56 17.35
C ASN B 163 5.71 -3.16 16.74
N LYS B 164 4.72 -2.70 15.98
CA LYS B 164 4.70 -1.31 15.46
C LYS B 164 4.32 -0.37 16.60
N LEU B 165 3.22 -0.68 17.29
CA LEU B 165 2.69 0.11 18.44
C LEU B 165 3.79 0.27 19.52
N ARG B 166 4.63 -0.76 19.70
CA ARG B 166 5.75 -0.74 20.67
C ARG B 166 6.67 0.46 20.40
N LEU B 167 6.89 0.80 19.13
CA LEU B 167 7.84 1.88 18.71
C LEU B 167 7.43 3.23 19.32
N LEU B 168 6.16 3.40 19.69
CA LEU B 168 5.62 4.68 20.22
C LEU B 168 6.22 4.98 21.59
N LYS B 169 6.75 3.97 22.29
CA LYS B 169 7.38 4.11 23.64
C LYS B 169 8.82 4.64 23.48
N LEU B 170 9.39 4.57 22.27
CA LEU B 170 10.81 4.97 22.02
C LEU B 170 10.98 6.48 22.12
N PRO B 171 12.19 6.96 22.48
CA PRO B 171 12.50 8.39 22.51
C PRO B 171 12.22 9.11 21.19
N GLN B 172 11.77 10.37 21.26
CA GLN B 172 11.35 11.16 20.07
C GLN B 172 12.48 11.26 19.06
N PRO B 173 13.76 11.45 19.50
CA PRO B 173 14.88 11.45 18.57
C PRO B 173 14.91 10.19 17.68
N VAL B 174 14.67 9.02 18.28
CA VAL B 174 14.65 7.70 17.57
C VAL B 174 13.46 7.70 16.62
N GLN B 175 12.29 8.16 17.06
CA GLN B 175 11.05 8.20 16.26
C GLN B 175 11.29 9.06 15.01
N GLU B 176 12.00 10.19 15.16
CA GLU B 176 12.32 11.11 14.03
C GLU B 176 13.22 10.38 13.03
N ALA B 177 14.25 9.69 13.53
CA ALA B 177 15.24 8.92 12.72
C ALA B 177 14.50 7.90 11.85
N ILE B 178 13.46 7.26 12.38
CA ILE B 178 12.58 6.31 11.64
C ILE B 178 11.90 7.08 10.51
N MET B 179 11.27 8.21 10.84
CA MET B 179 10.48 9.04 9.91
C MET B 179 11.40 9.57 8.80
N GLU B 180 12.53 10.18 9.20
CA GLU B 180 13.58 10.73 8.29
C GLU B 180 14.31 9.58 7.58
N LYS B 181 13.94 8.33 7.86
CA LYS B 181 14.42 7.10 7.17
C LYS B 181 15.92 6.91 7.41
N LYS B 182 16.45 7.50 8.47
CA LYS B 182 17.88 7.38 8.88
C LYS B 182 18.15 5.95 9.38
N ILE B 183 17.14 5.32 10.00
CA ILE B 183 17.19 3.90 10.46
C ILE B 183 15.91 3.19 10.02
N THR B 184 15.94 1.86 10.01
CA THR B 184 14.81 0.96 9.64
C THR B 184 13.98 0.62 10.88
N GLU B 185 12.76 0.10 10.69
CA GLU B 185 11.85 -0.32 11.78
C GLU B 185 12.62 -1.23 12.74
N ARG B 186 13.26 -2.27 12.19
CA ARG B 186 13.95 -3.34 12.95
C ARG B 186 15.09 -2.74 13.79
N HIS B 187 15.78 -1.73 13.25
CA HIS B 187 16.81 -0.94 13.99
C HIS B 187 16.19 -0.40 15.29
N ALA B 188 15.08 0.34 15.18
CA ALA B 188 14.40 1.01 16.30
C ALA B 188 13.87 -0.03 17.30
N ARG B 189 13.29 -1.12 16.79
CA ARG B 189 12.77 -2.25 17.60
C ARG B 189 13.90 -2.82 18.47
N ALA B 190 15.11 -2.90 17.92
CA ALA B 190 16.30 -3.52 18.56
C ALA B 190 16.74 -2.66 19.75
N LEU B 191 16.41 -1.36 19.75
CA LEU B 191 16.79 -0.40 20.82
C LEU B 191 15.90 -0.59 22.05
N ILE B 192 14.69 -1.12 21.88
CA ILE B 192 13.65 -1.18 22.96
C ILE B 192 14.21 -1.85 24.22
N PRO B 193 14.89 -3.02 24.12
CA PRO B 193 15.47 -3.67 25.31
C PRO B 193 16.33 -2.78 26.23
N LEU B 194 17.09 -1.85 25.67
CA LEU B 194 17.87 -0.81 26.42
C LEU B 194 16.85 0.16 27.03
N LYS B 195 16.08 -0.25 28.05
CA LYS B 195 14.85 0.44 28.49
C LYS B 195 15.12 1.92 28.85
N GLN B 196 16.39 2.34 28.93
CA GLN B 196 16.82 3.72 29.29
C GLN B 196 16.96 4.59 28.03
N PRO B 197 16.13 5.65 27.90
CA PRO B 197 16.19 6.56 26.75
C PRO B 197 17.59 7.10 26.39
N GLU B 198 18.46 7.30 27.39
CA GLU B 198 19.81 7.86 27.21
C GLU B 198 20.67 6.86 26.45
N LEU B 199 20.60 5.58 26.84
CA LEU B 199 21.36 4.46 26.22
C LEU B 199 20.93 4.28 24.75
N GLN B 200 19.65 4.47 24.46
CA GLN B 200 19.06 4.25 23.10
C GLN B 200 19.57 5.34 22.14
N VAL B 201 19.41 6.61 22.53
CA VAL B 201 19.84 7.79 21.71
C VAL B 201 21.35 7.70 21.48
N THR B 202 22.10 7.14 22.45
CA THR B 202 23.55 6.86 22.31
C THR B 202 23.75 5.94 21.10
N LEU B 203 23.10 4.78 21.09
CA LEU B 203 23.29 3.74 20.06
C LEU B 203 22.79 4.27 18.72
N LEU B 204 21.66 4.98 18.70
CA LEU B 204 21.09 5.59 17.47
C LEU B 204 22.21 6.29 16.68
N THR B 205 23.00 7.12 17.37
CA THR B 205 24.11 7.92 16.78
C THR B 205 25.20 6.95 16.29
N GLU B 206 25.47 5.89 17.06
CA GLU B 206 26.50 4.86 16.75
C GLU B 206 26.06 4.06 15.51
N ILE B 207 24.77 3.73 15.41
CA ILE B 207 24.17 3.01 14.24
C ILE B 207 24.44 3.83 12.98
N ILE B 208 24.22 5.15 13.04
CA ILE B 208 24.41 6.07 11.89
C ILE B 208 25.90 6.21 11.57
N GLU B 209 26.72 6.52 12.59
CA GLU B 209 28.18 6.80 12.45
C GLU B 209 28.91 5.58 11.89
N LYS B 210 28.61 4.39 12.41
CA LYS B 210 29.31 3.13 12.01
C LYS B 210 28.51 2.38 10.93
N SER B 211 27.40 2.96 10.45
CA SER B 211 26.47 2.36 9.46
C SER B 211 26.19 0.90 9.83
N LEU B 212 25.70 0.66 11.05
CA LEU B 212 25.39 -0.70 11.59
C LEU B 212 24.09 -1.23 10.97
N ASN B 213 24.07 -2.51 10.60
CA ASN B 213 22.85 -3.26 10.23
C ASN B 213 22.12 -3.64 11.52
N VAL B 214 20.97 -4.31 11.44
CA VAL B 214 20.13 -4.64 12.64
C VAL B 214 20.80 -5.76 13.44
N LYS B 215 21.38 -6.76 12.76
CA LYS B 215 22.09 -7.90 13.41
C LYS B 215 23.16 -7.35 14.35
N GLN B 216 23.97 -6.40 13.88
CA GLN B 216 25.02 -5.72 14.67
C GLN B 216 24.38 -4.96 15.82
N THR B 217 23.31 -4.21 15.53
CA THR B 217 22.56 -3.37 16.51
C THR B 217 22.03 -4.25 17.64
N GLU B 218 21.54 -5.45 17.33
CA GLU B 218 21.01 -6.44 18.30
C GLU B 218 22.15 -6.89 19.24
N ASP B 219 23.34 -7.13 18.67
CA ASP B 219 24.55 -7.58 19.42
C ASP B 219 25.05 -6.43 20.30
N ARG B 220 25.17 -5.23 19.72
CA ARG B 220 25.59 -3.99 20.42
C ARG B 220 24.72 -3.77 21.66
N VAL B 221 23.43 -4.13 21.60
CA VAL B 221 22.47 -4.03 22.74
C VAL B 221 22.83 -5.09 23.78
N VAL B 222 22.93 -6.36 23.37
CA VAL B 222 23.28 -7.51 24.25
C VAL B 222 24.49 -7.10 25.10
N LYS B 223 25.53 -6.57 24.45
CA LYS B 223 26.83 -6.22 25.05
C LYS B 223 26.65 -5.07 26.05
N MET B 224 25.71 -4.17 25.80
CA MET B 224 25.40 -3.00 26.68
C MET B 224 24.55 -3.44 27.88
N LEU B 225 23.91 -4.60 27.81
CA LEU B 225 23.13 -5.19 28.94
C LEU B 225 24.02 -6.08 29.80
N GLU B 226 25.30 -6.21 29.45
CA GLU B 226 26.37 -6.82 30.29
C GLU B 226 27.20 -5.70 30.94
N GLN B 227 27.17 -4.49 30.37
CA GLN B 227 27.79 -3.26 30.95
C GLN B 227 26.85 -2.66 32.01
N GLY B 228 25.55 -2.97 31.93
CA GLY B 228 24.55 -2.64 32.97
C GLY B 228 24.77 -3.48 34.22
N GLN B 229 25.36 -4.67 34.08
CA GLN B 229 25.71 -5.60 35.18
C GLN B 229 26.98 -5.12 35.87
N ARG B 230 27.95 -4.64 35.07
CA ARG B 230 29.28 -4.14 35.52
C ARG B 230 29.19 -2.61 35.75
#